data_9IWM
#
_entry.id   9IWM
#
_cell.length_a   45.012
_cell.length_b   61.916
_cell.length_c   52.944
_cell.angle_alpha   90.00
_cell.angle_beta   106.61
_cell.angle_gamma   90.00
#
_symmetry.space_group_name_H-M   'P 1 21 1'
#
loop_
_entity.id
_entity.type
_entity.pdbx_description
1 polymer 'Peroxisome proliferator-activated receptor alpha'
2 polymer 'Mediator of RNA polymerase II transcription subunit 1'
3 non-polymer '2-[(4-{2-[(4-cyclohexylbutyl)(cyclohexylcarbamoyl)amino]ethyl}phenyl)sulfanyl]-2-methylpropanoic acid'
4 non-polymer GLYCEROL
5 water water
#
loop_
_entity_poly.entity_id
_entity_poly.type
_entity_poly.pdbx_seq_one_letter_code
_entity_poly.pdbx_strand_id
1 'polypeptide(L)'
;GSHMTADLKSLAKRIYEAYLKNFNMNKVKARVILSGKASNNPPFVIHDMETLCMAEKTLVAKLVANGIQNKEAEVRIFHC
CQCTSVETVTELTEFAKAIPGFANLDLNDQVTLLKYGVYEAIFAMLSSVMNKDGMLVAYGNGFITREFLKSLRKPFCDIM
EPKFDFAMKFNALELDDSDISLFVAAIICCGDRPGLLNVGHIEKMQEGIVHVLRLHLQSNHPDDIFLFPKLLQKMADLRQ
LVTEHAQLVQIIKKTESDAALHPLLQEIYRDMY
;
A
2 'polypeptide(L)' NTKNHPMLMNLLKDNPAQD B
#
# COMPACT_ATOMS: atom_id res chain seq x y z
N ALA A 6 6.84 -26.97 12.93
CA ALA A 6 6.05 -25.79 12.57
C ALA A 6 4.87 -26.14 11.64
N ASP A 7 3.70 -25.54 11.87
CA ASP A 7 2.50 -25.82 11.08
C ASP A 7 2.31 -24.68 10.08
N LEU A 8 2.72 -24.92 8.83
CA LEU A 8 2.78 -23.83 7.86
C LEU A 8 1.41 -23.46 7.32
N LYS A 9 0.51 -24.44 7.16
CA LYS A 9 -0.87 -24.08 6.84
C LYS A 9 -1.47 -23.19 7.92
N SER A 10 -1.15 -23.46 9.19
CA SER A 10 -1.68 -22.64 10.26
C SER A 10 -1.08 -21.23 10.25
N LEU A 11 0.23 -21.10 9.97
CA LEU A 11 0.84 -19.78 9.87
C LEU A 11 0.19 -18.98 8.75
N ALA A 12 -0.06 -19.63 7.62
CA ALA A 12 -0.73 -18.96 6.52
C ALA A 12 -2.08 -18.44 6.94
N LYS A 13 -2.88 -19.28 7.61
CA LYS A 13 -4.20 -18.88 8.06
C LYS A 13 -4.12 -17.70 9.05
N ARG A 14 -3.14 -17.71 9.98
CA ARG A 14 -3.04 -16.61 10.92
C ARG A 14 -2.77 -15.31 10.20
N ILE A 15 -1.87 -15.37 9.22
CA ILE A 15 -1.54 -14.16 8.45
C ILE A 15 -2.76 -13.68 7.67
N TYR A 16 -3.51 -14.59 7.03
CA TYR A 16 -4.71 -14.23 6.30
C TYR A 16 -5.73 -13.61 7.24
N GLU A 17 -5.95 -14.20 8.42
CA GLU A 17 -6.91 -13.64 9.37
C GLU A 17 -6.48 -12.25 9.83
N ALA A 18 -5.16 -12.05 10.02
CA ALA A 18 -4.67 -10.72 10.41
C ALA A 18 -4.91 -9.70 9.30
N TYR A 19 -4.83 -10.13 8.06
N TYR A 19 -4.76 -10.12 8.05
CA TYR A 19 -5.07 -9.22 6.95
CA TYR A 19 -5.06 -9.27 6.91
C TYR A 19 -6.55 -8.89 6.80
C TYR A 19 -6.53 -8.88 6.90
N LEU A 20 -7.44 -9.88 6.99
CA LEU A 20 -8.86 -9.57 6.94
C LEU A 20 -9.26 -8.64 8.08
N LYS A 21 -8.62 -8.75 9.25
CA LYS A 21 -8.97 -7.96 10.42
C LYS A 21 -8.49 -6.53 10.28
N ASN A 22 -7.29 -6.32 9.73
CA ASN A 22 -6.63 -5.02 9.83
C ASN A 22 -6.80 -4.10 8.62
N PHE A 23 -7.18 -4.61 7.46
CA PHE A 23 -7.40 -3.76 6.29
C PHE A 23 -8.87 -3.57 6.04
N ASN A 24 -9.27 -2.31 5.84
CA ASN A 24 -10.68 -2.04 5.66
C ASN A 24 -11.15 -2.55 4.31
N MET A 25 -10.25 -2.60 3.33
CA MET A 25 -10.57 -3.01 1.98
C MET A 25 -9.85 -4.32 1.67
N ASN A 26 -10.63 -5.30 1.25
CA ASN A 26 -10.01 -6.51 0.75
C ASN A 26 -10.56 -6.79 -0.63
N LYS A 27 -9.93 -7.78 -1.26
CA LYS A 27 -10.13 -7.94 -2.69
C LYS A 27 -11.52 -8.44 -3.00
N VAL A 28 -12.08 -9.33 -2.18
CA VAL A 28 -13.45 -9.73 -2.45
C VAL A 28 -14.41 -8.53 -2.32
N LYS A 29 -14.30 -7.76 -1.23
N LYS A 29 -14.23 -7.73 -1.24
CA LYS A 29 -15.12 -6.55 -1.08
CA LYS A 29 -15.05 -6.53 -1.00
C LYS A 29 -14.99 -5.67 -2.32
C LYS A 29 -14.96 -5.56 -2.17
N ALA A 30 -13.75 -5.38 -2.71
CA ALA A 30 -13.54 -4.45 -3.81
C ALA A 30 -14.21 -4.97 -5.07
N ARG A 31 -14.09 -6.27 -5.34
CA ARG A 31 -14.78 -6.85 -6.48
C ARG A 31 -16.30 -6.83 -6.32
N VAL A 32 -16.84 -7.06 -5.13
CA VAL A 32 -18.28 -6.90 -4.96
C VAL A 32 -18.73 -5.51 -5.43
N ILE A 33 -17.98 -4.48 -5.07
CA ILE A 33 -18.35 -3.11 -5.38
C ILE A 33 -18.09 -2.80 -6.85
N LEU A 34 -16.91 -3.16 -7.36
CA LEU A 34 -16.51 -2.85 -8.73
C LEU A 34 -17.38 -3.56 -9.75
N SER A 35 -18.09 -4.62 -9.32
CA SER A 35 -19.16 -5.20 -10.11
C SER A 35 -20.34 -4.26 -9.89
N GLY A 36 -21.31 -4.67 -9.07
CA GLY A 36 -22.42 -3.80 -8.72
C GLY A 36 -23.66 -4.56 -8.28
N PRO A 42 -24.08 2.26 -5.51
CA PRO A 42 -22.86 2.23 -6.32
C PRO A 42 -21.96 3.45 -6.05
N PRO A 43 -20.65 3.23 -6.10
CA PRO A 43 -19.70 4.31 -5.79
C PRO A 43 -19.91 5.51 -6.70
N PHE A 44 -19.54 6.67 -6.20
CA PHE A 44 -19.67 7.89 -6.99
C PHE A 44 -18.48 8.05 -7.93
N VAL A 45 -18.75 8.24 -9.21
CA VAL A 45 -17.72 8.25 -10.25
C VAL A 45 -17.12 9.63 -10.44
N ILE A 46 -15.81 9.75 -10.23
CA ILE A 46 -15.06 10.97 -10.47
C ILE A 46 -14.34 10.80 -11.80
N HIS A 47 -14.83 11.51 -12.83
CA HIS A 47 -14.27 11.39 -14.15
C HIS A 47 -13.94 12.75 -14.75
N ASP A 48 -14.16 13.85 -14.03
CA ASP A 48 -13.92 15.21 -14.56
C ASP A 48 -13.94 16.16 -13.39
N MET A 49 -13.71 17.44 -13.65
CA MET A 49 -13.63 18.39 -12.54
C MET A 49 -14.99 18.59 -11.88
N GLU A 50 -16.10 18.59 -12.66
CA GLU A 50 -17.40 18.73 -12.02
C GLU A 50 -17.62 17.62 -11.00
N THR A 51 -17.38 16.38 -11.39
CA THR A 51 -17.63 15.25 -10.49
C THR A 51 -16.60 15.17 -9.37
N LEU A 52 -15.36 15.59 -9.60
CA LEU A 52 -14.45 15.76 -8.48
C LEU A 52 -15.03 16.66 -7.43
N CYS A 53 -15.50 17.86 -7.86
CA CYS A 53 -16.01 18.81 -6.87
C CYS A 53 -17.25 18.29 -6.15
N MET A 54 -18.12 17.57 -6.86
CA MET A 54 -19.28 16.97 -6.20
C MET A 54 -18.83 15.92 -5.19
N ALA A 55 -17.85 15.08 -5.56
CA ALA A 55 -17.37 14.05 -4.65
C ALA A 55 -16.74 14.66 -3.42
N GLU A 56 -16.00 15.75 -3.59
CA GLU A 56 -15.44 16.39 -2.41
C GLU A 56 -16.53 16.83 -1.45
N LYS A 57 -17.64 17.39 -1.97
CA LYS A 57 -18.68 17.87 -1.06
C LYS A 57 -19.43 16.74 -0.37
N THR A 58 -19.52 15.56 -0.98
CA THR A 58 -20.22 14.45 -0.35
C THR A 58 -19.30 13.58 0.50
N LEU A 59 -18.04 13.38 0.09
CA LEU A 59 -17.17 12.39 0.73
C LEU A 59 -16.06 12.96 1.58
N VAL A 60 -15.65 14.19 1.35
CA VAL A 60 -14.59 14.82 2.13
C VAL A 60 -15.04 16.25 2.48
N ALA A 61 -16.28 16.38 2.96
CA ALA A 61 -16.96 17.69 3.05
C ALA A 61 -16.12 18.74 3.79
N LYS A 62 -15.53 18.36 4.92
CA LYS A 62 -14.70 19.30 5.70
C LYS A 62 -13.60 19.91 4.86
N LEU A 63 -13.01 19.14 3.94
CA LEU A 63 -11.90 19.65 3.14
C LEU A 63 -12.26 20.89 2.35
N VAL A 64 -13.51 20.99 1.89
CA VAL A 64 -13.90 22.08 1.02
C VAL A 64 -15.04 22.89 1.62
N ALA A 65 -15.24 22.81 2.92
CA ALA A 65 -16.17 23.69 3.63
C ALA A 65 -15.56 25.08 3.74
N ASN A 66 -15.01 25.59 2.63
CA ASN A 66 -14.05 26.67 2.64
C ASN A 66 -12.72 26.17 3.19
N GLY A 67 -11.60 26.66 2.68
CA GLY A 67 -10.31 26.25 3.20
C GLY A 67 -9.63 25.21 2.33
N ILE A 68 -8.60 25.65 1.60
CA ILE A 68 -8.01 24.85 0.53
C ILE A 68 -9.03 24.56 -0.57
N GLN A 69 -10.30 24.89 -0.33
CA GLN A 69 -11.27 24.91 -1.42
C GLN A 69 -10.77 25.80 -2.55
N ASN A 70 -9.96 26.81 -2.22
CA ASN A 70 -9.34 27.72 -3.17
C ASN A 70 -7.98 27.23 -3.68
N LYS A 71 -7.50 26.09 -3.20
CA LYS A 71 -6.31 25.50 -3.76
C LYS A 71 -6.67 24.74 -5.04
N GLU A 72 -5.66 24.51 -5.87
CA GLU A 72 -5.88 23.82 -7.12
C GLU A 72 -6.41 22.41 -6.85
N ALA A 73 -7.21 21.92 -7.79
CA ALA A 73 -7.80 20.60 -7.67
C ALA A 73 -6.72 19.57 -7.43
N GLU A 74 -5.59 19.68 -8.13
CA GLU A 74 -4.52 18.68 -7.98
C GLU A 74 -4.01 18.65 -6.55
N VAL A 75 -3.87 19.82 -5.91
CA VAL A 75 -3.37 19.86 -4.55
C VAL A 75 -4.42 19.35 -3.57
N ARG A 76 -5.71 19.56 -3.84
CA ARG A 76 -6.75 19.00 -3.00
C ARG A 76 -6.71 17.48 -3.07
N ILE A 77 -6.58 16.95 -4.28
CA ILE A 77 -6.50 15.50 -4.46
C ILE A 77 -5.27 14.97 -3.72
N PHE A 78 -4.13 15.66 -3.89
CA PHE A 78 -2.90 15.21 -3.25
C PHE A 78 -3.07 15.17 -1.73
N HIS A 79 -3.75 16.14 -1.16
CA HIS A 79 -3.98 16.13 0.28
C HIS A 79 -4.80 14.92 0.67
N CYS A 80 -5.86 14.64 -0.09
CA CYS A 80 -6.69 13.49 0.22
C CYS A 80 -5.92 12.20 0.09
N CYS A 81 -5.02 12.11 -0.88
CA CYS A 81 -4.18 10.93 -1.01
C CYS A 81 -3.24 10.79 0.19
N GLN A 82 -2.68 11.89 0.70
CA GLN A 82 -1.81 11.81 1.88
C GLN A 82 -2.61 11.29 3.05
N CYS A 83 -3.84 11.75 3.25
CA CYS A 83 -4.64 11.24 4.36
C CYS A 83 -4.85 9.75 4.25
N THR A 84 -5.10 9.27 3.03
CA THR A 84 -5.34 7.86 2.81
C THR A 84 -4.09 7.07 3.12
N SER A 85 -2.92 7.59 2.73
CA SER A 85 -1.68 6.87 3.01
C SER A 85 -1.41 6.81 4.51
N VAL A 86 -1.68 7.89 5.23
CA VAL A 86 -1.54 7.88 6.67
C VAL A 86 -2.41 6.78 7.28
N GLU A 87 -3.68 6.69 6.85
CA GLU A 87 -4.55 5.62 7.33
C GLU A 87 -4.00 4.26 6.96
N THR A 88 -3.46 4.10 5.74
CA THR A 88 -2.99 2.79 5.33
C THR A 88 -1.75 2.40 6.10
N VAL A 89 -0.87 3.35 6.43
CA VAL A 89 0.31 3.01 7.23
C VAL A 89 -0.12 2.51 8.60
N THR A 90 -1.16 3.09 9.17
CA THR A 90 -1.65 2.60 10.45
C THR A 90 -2.17 1.16 10.32
N GLU A 91 -2.91 0.86 9.24
CA GLU A 91 -3.43 -0.49 9.08
C GLU A 91 -2.30 -1.47 8.89
N LEU A 92 -1.25 -1.08 8.15
CA LEU A 92 -0.12 -1.94 7.91
C LEU A 92 0.68 -2.19 9.16
N THR A 93 0.75 -1.19 10.03
CA THR A 93 1.45 -1.39 11.28
C THR A 93 0.69 -2.39 12.17
N GLU A 94 -0.63 -2.28 12.22
CA GLU A 94 -1.40 -3.24 13.00
C GLU A 94 -1.23 -4.64 12.41
N PHE A 95 -1.22 -4.73 11.07
CA PHE A 95 -1.03 -6.03 10.45
C PHE A 95 0.35 -6.58 10.75
N ALA A 96 1.39 -5.76 10.65
CA ALA A 96 2.74 -6.22 10.95
C ALA A 96 2.84 -6.74 12.36
N LYS A 97 2.20 -6.06 13.33
CA LYS A 97 2.30 -6.52 14.71
C LYS A 97 1.66 -7.88 14.89
N ALA A 98 0.76 -8.27 13.99
CA ALA A 98 0.13 -9.58 14.06
C ALA A 98 0.82 -10.63 13.24
N ILE A 99 1.88 -10.29 12.49
CA ILE A 99 2.67 -11.26 11.75
C ILE A 99 3.44 -12.06 12.78
N PRO A 100 3.26 -13.38 12.85
CA PRO A 100 4.00 -14.16 13.83
C PRO A 100 5.49 -13.84 13.83
N GLY A 101 6.05 -13.44 14.97
CA GLY A 101 7.47 -13.14 15.10
C GLY A 101 7.85 -11.66 14.97
N PHE A 102 7.00 -10.83 14.37
CA PHE A 102 7.40 -9.46 14.13
C PHE A 102 7.54 -8.70 15.44
N ALA A 103 6.61 -8.91 16.36
CA ALA A 103 6.62 -8.19 17.62
C ALA A 103 7.79 -8.60 18.51
N ASN A 104 8.46 -9.72 18.22
CA ASN A 104 9.65 -10.07 19.01
C ASN A 104 10.92 -9.45 18.48
N LEU A 105 10.84 -8.76 17.35
CA LEU A 105 12.05 -8.11 16.87
C LEU A 105 12.37 -6.87 17.69
N ASP A 106 13.60 -6.45 17.61
CA ASP A 106 13.99 -5.21 18.24
C ASP A 106 13.15 -4.07 17.64
N LEU A 107 12.70 -3.13 18.48
CA LEU A 107 11.86 -2.06 17.95
C LEU A 107 12.56 -1.27 16.84
N ASN A 108 13.89 -1.12 16.89
CA ASN A 108 14.56 -0.42 15.81
C ASN A 108 14.37 -1.14 14.48
N ASP A 109 14.41 -2.46 14.52
CA ASP A 109 14.22 -3.28 13.32
C ASP A 109 12.76 -3.27 12.89
N GLN A 110 11.82 -3.25 13.83
CA GLN A 110 10.41 -3.13 13.43
C GLN A 110 10.18 -1.83 12.68
N VAL A 111 10.80 -0.74 13.14
CA VAL A 111 10.65 0.55 12.47
C VAL A 111 11.27 0.51 11.08
N THR A 112 12.47 -0.03 10.96
CA THR A 112 13.13 -0.12 9.67
C THR A 112 12.33 -0.95 8.67
N LEU A 113 11.85 -2.13 9.09
CA LEU A 113 11.07 -2.95 8.18
C LEU A 113 9.81 -2.21 7.72
N LEU A 114 9.12 -1.55 8.64
CA LEU A 114 7.96 -0.76 8.22
C LEU A 114 8.35 0.35 7.27
N LYS A 115 9.39 1.11 7.61
CA LYS A 115 9.78 2.24 6.78
C LYS A 115 9.95 1.85 5.32
N TYR A 116 10.68 0.77 5.07
CA TYR A 116 10.99 0.35 3.71
C TYR A 116 9.87 -0.49 3.08
N GLY A 117 9.11 -1.21 3.88
CA GLY A 117 8.08 -2.09 3.34
C GLY A 117 6.76 -1.41 3.07
N VAL A 118 6.38 -0.35 3.78
CA VAL A 118 4.97 0.06 3.69
C VAL A 118 4.57 0.43 2.28
N TYR A 119 5.41 1.16 1.53
CA TYR A 119 4.97 1.59 0.19
C TYR A 119 4.94 0.43 -0.79
N GLU A 120 5.83 -0.54 -0.64
CA GLU A 120 5.75 -1.72 -1.49
C GLU A 120 4.43 -2.44 -1.24
N ALA A 121 4.04 -2.55 0.04
CA ALA A 121 2.76 -3.18 0.39
C ALA A 121 1.60 -2.33 -0.10
N ILE A 122 1.69 -1.01 0.05
CA ILE A 122 0.61 -0.14 -0.44
C ILE A 122 0.37 -0.37 -1.92
N PHE A 123 1.44 -0.39 -2.72
CA PHE A 123 1.21 -0.49 -4.16
C PHE A 123 0.77 -1.89 -4.58
N ALA A 124 1.19 -2.91 -3.84
CA ALA A 124 0.62 -4.23 -4.05
C ALA A 124 -0.88 -4.25 -3.77
N MET A 125 -1.29 -3.73 -2.61
CA MET A 125 -2.69 -3.73 -2.23
C MET A 125 -3.54 -2.83 -3.09
N LEU A 126 -2.95 -1.74 -3.61
CA LEU A 126 -3.67 -0.85 -4.51
C LEU A 126 -4.19 -1.61 -5.72
N SER A 127 -3.48 -2.66 -6.13
CA SER A 127 -3.93 -3.46 -7.28
C SER A 127 -5.33 -4.01 -7.05
N SER A 128 -5.65 -4.39 -5.84
CA SER A 128 -6.96 -5.00 -5.56
C SER A 128 -8.10 -4.06 -5.84
N VAL A 129 -7.89 -2.73 -5.80
CA VAL A 129 -8.97 -1.78 -6.02
C VAL A 129 -8.90 -1.12 -7.40
N MET A 130 -8.00 -1.59 -8.26
CA MET A 130 -7.84 -1.05 -9.60
C MET A 130 -8.39 -1.99 -10.65
N ASN A 131 -8.97 -1.40 -11.68
CA ASN A 131 -9.21 -2.11 -12.93
C ASN A 131 -8.67 -1.23 -14.05
N LYS A 132 -8.84 -1.64 -15.31
CA LYS A 132 -8.15 -0.88 -16.35
C LYS A 132 -8.75 0.51 -16.53
N ASP A 133 -9.92 0.77 -15.95
CA ASP A 133 -10.57 2.07 -16.14
C ASP A 133 -10.45 2.99 -14.94
N GLY A 134 -10.03 2.51 -13.78
CA GLY A 134 -9.96 3.42 -12.65
C GLY A 134 -9.77 2.65 -11.36
N MET A 135 -9.94 3.37 -10.26
CA MET A 135 -9.69 2.82 -8.93
C MET A 135 -10.77 3.20 -7.93
N LEU A 136 -11.11 2.25 -7.08
CA LEU A 136 -12.08 2.42 -6.02
C LEU A 136 -11.40 3.12 -4.85
N VAL A 137 -12.01 4.19 -4.35
CA VAL A 137 -11.40 5.05 -3.33
C VAL A 137 -12.42 5.40 -2.24
N ALA A 138 -11.94 6.10 -1.22
CA ALA A 138 -12.79 6.65 -0.16
C ALA A 138 -13.61 5.53 0.49
N TYR A 139 -12.92 4.48 0.94
CA TYR A 139 -13.58 3.42 1.70
C TYR A 139 -14.70 2.79 0.89
N GLY A 140 -14.48 2.67 -0.42
CA GLY A 140 -15.37 2.01 -1.33
C GLY A 140 -16.49 2.86 -1.86
N ASN A 141 -16.45 4.16 -1.60
CA ASN A 141 -17.57 5.04 -1.92
C ASN A 141 -17.34 5.90 -3.13
N GLY A 142 -16.14 5.86 -3.71
CA GLY A 142 -15.87 6.63 -4.92
C GLY A 142 -15.10 5.77 -5.90
N PHE A 143 -15.09 6.19 -7.15
CA PHE A 143 -14.32 5.51 -8.18
C PHE A 143 -13.74 6.61 -9.05
N ILE A 144 -12.43 6.70 -9.16
N ILE A 144 -12.41 6.75 -9.06
CA ILE A 144 -11.81 7.78 -9.92
CA ILE A 144 -11.73 7.74 -9.90
C ILE A 144 -11.17 7.19 -11.15
C ILE A 144 -11.30 7.08 -11.19
N THR A 145 -11.51 7.77 -12.32
CA THR A 145 -11.08 7.17 -13.56
C THR A 145 -9.60 7.38 -13.80
N ARG A 146 -9.01 6.38 -14.46
CA ARG A 146 -7.62 6.41 -14.84
C ARG A 146 -7.37 7.59 -15.77
N GLU A 147 -8.29 7.87 -16.70
CA GLU A 147 -8.11 9.00 -17.60
C GLU A 147 -8.21 10.34 -16.89
N PHE A 148 -9.04 10.46 -15.87
CA PHE A 148 -9.10 11.71 -15.12
C PHE A 148 -7.75 11.98 -14.46
N LEU A 149 -7.16 10.97 -13.84
CA LEU A 149 -5.86 11.16 -13.21
C LEU A 149 -4.80 11.55 -14.23
N LYS A 150 -4.83 10.95 -15.41
CA LYS A 150 -3.88 11.37 -16.43
C LYS A 150 -4.12 12.81 -16.89
N SER A 151 -5.30 13.37 -16.67
CA SER A 151 -5.64 14.70 -17.15
C SER A 151 -5.14 15.79 -16.21
N LEU A 152 -4.69 15.43 -15.02
CA LEU A 152 -4.24 16.44 -14.07
C LEU A 152 -2.96 17.11 -14.59
N ARG A 153 -2.70 18.34 -14.11
CA ARG A 153 -1.45 18.94 -14.54
C ARG A 153 -0.24 18.23 -13.97
N LYS A 154 0.86 18.27 -14.71
CA LYS A 154 2.14 17.82 -14.18
C LYS A 154 2.48 18.58 -12.90
N PRO A 155 3.11 17.94 -11.93
CA PRO A 155 3.55 16.54 -11.93
C PRO A 155 2.50 15.56 -11.42
N PHE A 156 1.31 16.02 -11.07
CA PHE A 156 0.36 15.17 -10.37
C PHE A 156 -0.18 14.07 -11.26
N CYS A 157 -0.29 14.26 -12.57
CA CYS A 157 -0.70 13.20 -13.48
C CYS A 157 0.32 12.08 -13.60
N ASP A 158 1.51 12.27 -13.06
CA ASP A 158 2.57 11.29 -13.19
C ASP A 158 2.59 10.30 -12.03
N ILE A 159 1.74 10.50 -11.02
CA ILE A 159 1.82 9.64 -9.82
C ILE A 159 1.21 8.28 -10.04
N MET A 160 -0.01 8.22 -10.54
CA MET A 160 -0.73 6.95 -10.52
C MET A 160 -0.50 6.04 -11.71
N GLU A 161 -0.17 6.57 -12.89
CA GLU A 161 -0.10 5.69 -14.05
C GLU A 161 0.86 4.48 -13.89
N PRO A 162 2.04 4.62 -13.28
CA PRO A 162 2.88 3.42 -13.13
C PRO A 162 2.27 2.38 -12.20
N LYS A 163 1.42 2.85 -11.27
CA LYS A 163 0.73 1.95 -10.35
C LYS A 163 -0.38 1.21 -11.06
N PHE A 164 -1.11 1.85 -11.98
CA PHE A 164 -2.06 1.10 -12.79
C PHE A 164 -1.35 0.09 -13.66
N ASP A 165 -0.18 0.43 -14.21
CA ASP A 165 0.51 -0.51 -15.06
C ASP A 165 0.96 -1.72 -14.27
N PHE A 166 1.50 -1.50 -13.06
CA PHE A 166 1.87 -2.62 -12.21
C PHE A 166 0.64 -3.46 -11.92
N ALA A 167 -0.45 -2.79 -11.56
CA ALA A 167 -1.65 -3.48 -11.11
C ALA A 167 -2.26 -4.36 -12.20
N MET A 168 -2.29 -3.89 -13.45
CA MET A 168 -2.92 -4.72 -14.47
C MET A 168 -2.22 -6.06 -14.59
N LYS A 169 -0.90 -6.08 -14.56
CA LYS A 169 -0.22 -7.37 -14.67
C LYS A 169 -0.29 -8.14 -13.36
N PHE A 170 -0.23 -7.44 -12.21
CA PHE A 170 -0.40 -8.16 -10.93
C PHE A 170 -1.76 -8.83 -10.86
N ASN A 171 -2.82 -8.12 -11.27
CA ASN A 171 -4.18 -8.66 -11.24
C ASN A 171 -4.34 -9.85 -12.17
N ALA A 172 -3.54 -9.90 -13.25
CA ALA A 172 -3.62 -11.03 -14.17
C ALA A 172 -3.14 -12.32 -13.54
N LEU A 173 -2.41 -12.25 -12.43
CA LEU A 173 -2.02 -13.46 -11.70
C LEU A 173 -3.18 -14.08 -10.95
N GLU A 174 -4.28 -13.38 -10.78
CA GLU A 174 -5.50 -13.93 -10.20
C GLU A 174 -5.27 -14.42 -8.77
N LEU A 175 -4.53 -13.63 -7.99
CA LEU A 175 -4.36 -13.96 -6.59
C LEU A 175 -5.65 -13.64 -5.83
N ASP A 176 -5.84 -14.32 -4.72
CA ASP A 176 -6.89 -13.95 -3.79
C ASP A 176 -6.24 -13.41 -2.50
N ASP A 177 -7.12 -13.00 -1.55
CA ASP A 177 -6.65 -12.39 -0.31
C ASP A 177 -5.75 -13.34 0.49
N SER A 178 -5.99 -14.66 0.41
CA SER A 178 -5.15 -15.61 1.15
C SER A 178 -3.72 -15.56 0.64
N ASP A 179 -3.55 -15.28 -0.67
CA ASP A 179 -2.23 -15.16 -1.26
C ASP A 179 -1.63 -13.79 -0.95
N ILE A 180 -2.44 -12.74 -1.13
CA ILE A 180 -1.94 -11.37 -1.01
C ILE A 180 -1.49 -11.11 0.41
N SER A 181 -2.22 -11.65 1.39
CA SER A 181 -1.80 -11.48 2.78
C SER A 181 -0.39 -12.00 3.02
N LEU A 182 -0.07 -13.13 2.43
CA LEU A 182 1.26 -13.69 2.61
C LEU A 182 2.31 -12.90 1.83
N PHE A 183 1.92 -12.40 0.64
CA PHE A 183 2.82 -11.59 -0.14
C PHE A 183 3.15 -10.29 0.58
N VAL A 184 2.16 -9.65 1.20
CA VAL A 184 2.42 -8.44 1.99
C VAL A 184 3.31 -8.74 3.20
N ALA A 185 3.06 -9.88 3.90
CA ALA A 185 3.95 -10.27 4.99
C ALA A 185 5.39 -10.49 4.50
N ALA A 186 5.58 -11.14 3.35
CA ALA A 186 6.92 -11.34 2.83
C ALA A 186 7.58 -10.00 2.45
N ILE A 187 6.81 -9.05 1.95
CA ILE A 187 7.34 -7.72 1.68
C ILE A 187 7.87 -7.09 2.95
N ILE A 188 7.09 -7.17 4.02
CA ILE A 188 7.50 -6.52 5.27
C ILE A 188 8.72 -7.21 5.88
N CYS A 189 8.76 -8.54 5.87
CA CYS A 189 9.74 -9.32 6.61
C CYS A 189 10.87 -9.61 5.64
N CYS A 190 11.64 -8.57 5.40
CA CYS A 190 12.66 -8.54 4.37
C CYS A 190 13.99 -8.26 5.04
N GLY A 191 14.94 -9.20 4.91
CA GLY A 191 16.18 -9.04 5.62
C GLY A 191 17.25 -8.21 4.95
N ASP A 192 16.98 -7.64 3.78
CA ASP A 192 18.00 -6.86 3.09
C ASP A 192 17.71 -5.36 3.13
N ARG A 193 16.80 -4.93 3.98
CA ARG A 193 16.60 -3.51 4.17
C ARG A 193 17.86 -2.89 4.77
N PRO A 194 18.17 -1.67 4.38
CA PRO A 194 19.32 -0.94 4.94
C PRO A 194 19.18 -0.76 6.45
N GLY A 195 20.28 -1.01 7.19
CA GLY A 195 20.32 -0.57 8.57
C GLY A 195 19.66 -1.48 9.57
N LEU A 196 19.34 -2.72 9.18
CA LEU A 196 18.85 -3.68 10.16
C LEU A 196 19.95 -4.01 11.18
N LEU A 197 19.52 -4.27 12.42
CA LEU A 197 20.45 -4.61 13.50
C LEU A 197 20.67 -6.12 13.56
N ASN A 198 19.60 -6.90 13.56
CA ASN A 198 19.67 -8.35 13.72
C ASN A 198 19.37 -9.00 12.38
N VAL A 199 20.30 -8.83 11.45
CA VAL A 199 20.06 -9.24 10.07
C VAL A 199 19.77 -10.73 10.02
N GLY A 200 20.56 -11.54 10.75
CA GLY A 200 20.37 -12.97 10.69
C GLY A 200 19.01 -13.40 11.19
N HIS A 201 18.56 -12.83 12.30
CA HIS A 201 17.22 -13.16 12.77
C HIS A 201 16.17 -12.82 11.73
N ILE A 202 16.31 -11.64 11.11
CA ILE A 202 15.30 -11.21 10.15
C ILE A 202 15.35 -12.10 8.91
N GLU A 203 16.54 -12.48 8.47
CA GLU A 203 16.65 -13.37 7.33
C GLU A 203 15.96 -14.69 7.61
N LYS A 204 16.07 -15.22 8.85
CA LYS A 204 15.40 -16.48 9.16
C LYS A 204 13.88 -16.28 9.23
N MET A 205 13.45 -15.14 9.72
CA MET A 205 12.02 -14.87 9.71
C MET A 205 11.52 -14.77 8.27
N GLN A 206 12.28 -14.08 7.41
CA GLN A 206 11.96 -13.97 5.98
C GLN A 206 11.86 -15.35 5.34
N GLU A 207 12.89 -16.19 5.53
CA GLU A 207 12.88 -17.53 4.96
C GLU A 207 11.63 -18.28 5.39
N GLY A 208 11.23 -18.12 6.65
CA GLY A 208 10.06 -18.80 7.14
C GLY A 208 8.78 -18.32 6.47
N ILE A 209 8.64 -17.00 6.34
CA ILE A 209 7.42 -16.47 5.72
C ILE A 209 7.40 -16.83 4.24
N VAL A 210 8.56 -16.72 3.57
CA VAL A 210 8.63 -17.08 2.17
C VAL A 210 8.31 -18.55 1.95
N HIS A 211 8.74 -19.43 2.88
CA HIS A 211 8.39 -20.83 2.73
C HIS A 211 6.88 -21.04 2.88
N VAL A 212 6.26 -20.34 3.85
CA VAL A 212 4.80 -20.39 4.00
C VAL A 212 4.13 -19.97 2.68
N LEU A 213 4.63 -18.89 2.08
CA LEU A 213 4.10 -18.40 0.79
C LEU A 213 4.27 -19.46 -0.31
N ARG A 214 5.47 -20.07 -0.42
CA ARG A 214 5.71 -21.05 -1.46
C ARG A 214 4.75 -22.22 -1.36
N LEU A 215 4.56 -22.76 -0.15
CA LEU A 215 3.69 -23.91 0.01
C LEU A 215 2.24 -23.51 -0.23
N HIS A 216 1.85 -22.30 0.20
CA HIS A 216 0.49 -21.88 -0.02
C HIS A 216 0.17 -21.76 -1.50
N LEU A 217 1.11 -21.21 -2.27
CA LEU A 217 0.85 -21.05 -3.71
C LEU A 217 0.77 -22.39 -4.41
N GLN A 218 1.59 -23.36 -3.99
CA GLN A 218 1.47 -24.72 -4.50
C GLN A 218 0.08 -25.27 -4.23
N SER A 219 -0.45 -25.07 -3.02
N SER A 219 -0.44 -25.04 -3.04
CA SER A 219 -1.78 -25.58 -2.68
CA SER A 219 -1.74 -25.58 -2.64
C SER A 219 -2.89 -24.81 -3.39
C SER A 219 -2.93 -24.81 -3.24
N ASN A 220 -2.83 -23.48 -3.34
CA ASN A 220 -3.94 -22.65 -3.80
C ASN A 220 -3.94 -22.39 -5.31
N HIS A 221 -2.79 -22.55 -5.96
CA HIS A 221 -2.66 -22.33 -7.39
C HIS A 221 -1.93 -23.48 -8.05
N PRO A 222 -2.50 -24.70 -7.99
CA PRO A 222 -1.82 -25.85 -8.58
C PRO A 222 -1.73 -25.74 -10.09
N ASP A 223 -2.55 -24.89 -10.69
CA ASP A 223 -2.52 -24.70 -12.13
C ASP A 223 -1.32 -23.88 -12.62
N ASP A 224 -0.64 -23.10 -11.76
CA ASP A 224 0.40 -22.14 -12.23
C ASP A 224 1.71 -22.52 -11.54
N ILE A 225 2.52 -23.35 -12.21
CA ILE A 225 3.73 -23.85 -11.57
C ILE A 225 4.80 -22.81 -11.37
N PHE A 226 4.68 -21.65 -12.00
CA PHE A 226 5.66 -20.58 -11.84
C PHE A 226 5.19 -19.45 -10.94
N LEU A 227 4.07 -19.60 -10.23
CA LEU A 227 3.51 -18.43 -9.53
C LEU A 227 4.49 -17.90 -8.46
N PHE A 228 5.21 -18.77 -7.76
CA PHE A 228 6.14 -18.29 -6.74
C PHE A 228 7.24 -17.43 -7.34
N PRO A 229 7.99 -17.86 -8.36
CA PRO A 229 9.01 -16.96 -8.92
C PRO A 229 8.39 -15.74 -9.58
N LYS A 230 7.18 -15.83 -10.16
CA LYS A 230 6.53 -14.61 -10.63
C LYS A 230 6.35 -13.61 -9.52
N LEU A 231 5.97 -14.07 -8.33
CA LEU A 231 5.76 -13.17 -7.20
C LEU A 231 7.07 -12.63 -6.66
N LEU A 232 8.14 -13.42 -6.64
CA LEU A 232 9.43 -12.87 -6.27
C LEU A 232 9.80 -11.74 -7.19
N GLN A 233 9.57 -11.89 -8.50
CA GLN A 233 9.85 -10.82 -9.44
C GLN A 233 8.97 -9.60 -9.16
N LYS A 234 7.69 -9.80 -8.84
CA LYS A 234 6.84 -8.66 -8.48
C LYS A 234 7.36 -7.94 -7.27
N MET A 235 7.93 -8.62 -6.31
CA MET A 235 8.53 -7.92 -5.17
C MET A 235 9.65 -7.01 -5.62
N ALA A 236 10.50 -7.49 -6.53
CA ALA A 236 11.59 -6.67 -7.04
C ALA A 236 11.04 -5.51 -7.87
N ASP A 237 10.02 -5.74 -8.67
CA ASP A 237 9.37 -4.65 -9.39
C ASP A 237 8.81 -3.61 -8.44
N LEU A 238 8.22 -4.03 -7.32
CA LEU A 238 7.68 -3.07 -6.35
C LEU A 238 8.78 -2.23 -5.70
N ARG A 239 9.93 -2.81 -5.39
CA ARG A 239 11.01 -2.02 -4.83
C ARG A 239 11.40 -0.93 -5.80
N GLN A 240 11.49 -1.26 -7.09
CA GLN A 240 11.82 -0.25 -8.08
C GLN A 240 10.71 0.79 -8.19
N LEU A 241 9.45 0.36 -8.16
CA LEU A 241 8.34 1.30 -8.26
C LEU A 241 8.37 2.27 -7.09
N VAL A 242 8.71 1.79 -5.89
CA VAL A 242 8.78 2.68 -4.74
C VAL A 242 9.95 3.64 -4.83
N THR A 243 11.10 3.18 -5.30
CA THR A 243 12.26 4.08 -5.43
C THR A 243 11.89 5.21 -6.36
N GLU A 244 11.23 4.90 -7.47
CA GLU A 244 10.81 5.93 -8.41
C GLU A 244 9.75 6.83 -7.82
N HIS A 245 8.79 6.26 -7.09
CA HIS A 245 7.73 7.05 -6.48
C HIS A 245 8.31 8.04 -5.49
N ALA A 246 9.27 7.58 -4.69
CA ALA A 246 9.91 8.44 -3.69
C ALA A 246 10.59 9.60 -4.38
N GLN A 247 11.22 9.38 -5.54
CA GLN A 247 11.87 10.49 -6.24
C GLN A 247 10.86 11.50 -6.71
N LEU A 248 9.72 11.05 -7.19
CA LEU A 248 8.66 11.95 -7.63
C LEU A 248 8.05 12.71 -6.46
N VAL A 249 7.86 12.07 -5.33
CA VAL A 249 7.37 12.77 -4.15
C VAL A 249 8.34 13.87 -3.72
N GLN A 250 9.64 13.60 -3.80
CA GLN A 250 10.65 14.59 -3.46
C GLN A 250 10.51 15.78 -4.37
N ILE A 251 10.36 15.56 -5.67
CA ILE A 251 10.14 16.68 -6.62
C ILE A 251 8.91 17.46 -6.26
N ILE A 252 7.81 16.79 -5.94
CA ILE A 252 6.59 17.51 -5.58
C ILE A 252 6.78 18.33 -4.31
N LYS A 253 7.27 17.73 -3.25
CA LYS A 253 7.41 18.44 -1.97
C LYS A 253 8.34 19.64 -2.11
N LYS A 254 9.36 19.53 -2.94
CA LYS A 254 10.33 20.60 -3.07
C LYS A 254 9.84 21.75 -3.94
N THR A 255 9.04 21.48 -4.98
CA THR A 255 8.62 22.44 -5.99
C THR A 255 7.17 22.92 -5.88
N GLU A 256 6.31 22.24 -5.11
CA GLU A 256 4.90 22.59 -4.96
C GLU A 256 4.61 22.98 -3.50
N SER A 257 4.33 24.28 -3.25
CA SER A 257 4.20 24.75 -1.86
C SER A 257 2.91 24.32 -1.18
N ASP A 258 1.84 24.11 -1.94
CA ASP A 258 0.60 23.63 -1.34
C ASP A 258 0.60 22.12 -1.15
N ALA A 259 1.72 21.46 -1.44
CA ALA A 259 1.81 20.01 -1.37
C ALA A 259 2.74 19.55 -0.25
N ALA A 260 2.82 20.31 0.85
CA ALA A 260 3.68 19.88 1.94
C ALA A 260 3.26 18.51 2.45
N LEU A 261 4.24 17.72 2.86
CA LEU A 261 4.00 16.34 3.25
C LEU A 261 3.50 16.27 4.69
N HIS A 262 2.55 15.40 4.93
CA HIS A 262 2.14 15.10 6.28
C HIS A 262 3.34 14.57 7.07
N PRO A 263 3.48 14.94 8.36
CA PRO A 263 4.68 14.52 9.11
C PRO A 263 4.95 13.03 9.14
N LEU A 264 3.94 12.14 9.20
CA LEU A 264 4.23 10.70 9.21
C LEU A 264 4.84 10.28 7.89
N LEU A 265 4.34 10.84 6.77
CA LEU A 265 4.91 10.49 5.48
C LEU A 265 6.32 11.05 5.32
N GLN A 266 6.54 12.30 5.75
CA GLN A 266 7.90 12.83 5.72
C GLN A 266 8.85 11.92 6.48
N GLU A 267 8.43 11.44 7.66
CA GLU A 267 9.28 10.56 8.46
C GLU A 267 9.63 9.27 7.70
N ILE A 268 8.65 8.69 7.00
CA ILE A 268 8.89 7.47 6.25
C ILE A 268 9.85 7.73 5.10
N TYR A 269 9.60 8.81 4.31
CA TYR A 269 10.43 9.07 3.14
C TYR A 269 11.84 9.59 3.49
N ARG A 270 12.01 10.18 4.66
CA ARG A 270 13.28 10.85 4.99
C ARG A 270 14.38 9.80 5.11
N ASP A 271 15.45 9.92 4.31
CA ASP A 271 16.56 8.99 4.34
C ASP A 271 16.18 7.61 3.83
N MET A 272 15.08 7.52 3.06
CA MET A 272 14.69 6.21 2.57
C MET A 272 15.54 5.77 1.38
N TYR A 273 15.47 6.52 0.28
CA TYR A 273 16.23 6.24 -0.94
C TYR A 273 16.96 7.50 -1.45
N ASN B 1 15.63 2.52 13.41
CA ASN B 1 16.05 3.66 14.23
C ASN B 1 14.84 4.31 14.84
N THR B 2 14.56 3.97 16.11
CA THR B 2 13.37 4.51 16.76
C THR B 2 13.51 6.01 16.96
N LYS B 3 14.72 6.49 17.26
CA LYS B 3 14.92 7.91 17.50
C LYS B 3 14.47 8.75 16.30
N ASN B 4 14.80 8.28 15.10
CA ASN B 4 14.46 9.06 13.90
C ASN B 4 13.04 8.82 13.39
N HIS B 5 12.25 7.97 14.05
CA HIS B 5 10.89 7.66 13.61
C HIS B 5 9.93 7.65 14.79
N PRO B 6 9.84 8.77 15.50
CA PRO B 6 8.93 8.79 16.63
C PRO B 6 7.50 8.48 16.27
N MET B 7 7.02 8.89 15.08
CA MET B 7 5.61 8.63 14.75
C MET B 7 5.35 7.16 14.47
N LEU B 8 6.28 6.50 13.77
CA LEU B 8 6.15 5.07 13.60
C LEU B 8 6.28 4.35 14.95
N MET B 9 7.20 4.82 15.80
N MET B 9 7.17 4.84 15.81
CA MET B 9 7.32 4.24 17.14
CA MET B 9 7.31 4.21 17.13
C MET B 9 5.99 4.31 17.87
C MET B 9 6.01 4.32 17.91
N ASN B 10 5.31 5.46 17.79
CA ASN B 10 4.03 5.59 18.49
C ASN B 10 3.01 4.61 17.93
N LEU B 11 3.00 4.41 16.60
CA LEU B 11 2.06 3.41 16.06
C LEU B 11 2.39 2.02 16.58
N LEU B 12 3.68 1.70 16.70
CA LEU B 12 4.05 0.37 17.17
C LEU B 12 3.75 0.20 18.65
N LYS B 13 3.73 1.29 19.42
CA LYS B 13 3.51 1.18 20.87
C LYS B 13 2.03 1.02 21.22
#